data_5XI8
#
_entry.id   5XI8
#
_cell.length_a   103.963
_cell.length_b   103.963
_cell.length_c   81.491
_cell.angle_alpha   90.000
_cell.angle_beta   90.000
_cell.angle_gamma   120.000
#
_symmetry.space_group_name_H-M   'H 3 2'
#
loop_
_entity.id
_entity.type
_entity.pdbx_description
1 polymer 'Beta-barrel assembly-enhancing protease'
2 water water
#
_entity_poly.entity_id   1
_entity_poly.type   'polypeptide(L)'
_entity_poly.pdbx_seq_one_letter_code
;GSAAQYGRALQA(MSE)EANKYDEARKTLQPLLAAEPGNAWYLDLATDIDLGQNKANEAINRLKNARDLRTNPVLQLNLA
NAYLQGGQPQEAANILNRYTFNNKDDSNGWDLLAQAEAALNNRDQELAARAEGYALAGRLDQAISL(MSE)SSASSQVKL
GSLQQARYDARIDQLRQLQERFK
;
_entity_poly.pdbx_strand_id   A
#
# COMPACT_ATOMS: atom_id res chain seq x y z
N GLY A 1 26.93 -15.55 -6.34
CA GLY A 1 26.25 -15.91 -5.11
C GLY A 1 24.80 -15.47 -5.06
N SER A 2 24.20 -15.51 -3.86
CA SER A 2 22.82 -15.08 -3.73
C SER A 2 22.65 -13.61 -4.11
N ALA A 3 23.64 -12.76 -3.82
CA ALA A 3 23.54 -11.35 -4.21
C ALA A 3 23.50 -11.22 -5.73
N ALA A 4 24.33 -11.98 -6.43
CA ALA A 4 24.33 -11.95 -7.89
C ALA A 4 23.00 -12.44 -8.45
N GLN A 5 22.49 -13.55 -7.91
CA GLN A 5 21.23 -14.09 -8.44
C GLN A 5 20.08 -13.13 -8.16
N TYR A 6 20.03 -12.53 -6.96
CA TYR A 6 18.99 -11.55 -6.66
C TYR A 6 19.08 -10.35 -7.59
N GLY A 7 20.29 -9.84 -7.82
CA GLY A 7 20.44 -8.71 -8.72
C GLY A 7 20.00 -9.03 -10.14
N ARG A 8 20.37 -10.20 -10.65
CA ARG A 8 19.93 -10.62 -11.98
C ARG A 8 18.42 -10.71 -12.07
N ALA A 9 17.78 -11.30 -11.05
CA ALA A 9 16.33 -11.42 -11.09
C ALA A 9 15.65 -10.07 -11.02
N LEU A 10 16.17 -9.15 -10.22
CA LEU A 10 15.55 -7.83 -10.11
C LEU A 10 15.68 -7.05 -11.40
N GLN A 11 16.83 -7.17 -12.07
CA GLN A 11 17.01 -6.51 -13.37
C GLN A 11 16.03 -7.05 -14.40
N ALA A 12 15.86 -8.37 -14.45
CA ALA A 12 14.85 -8.96 -15.33
C ALA A 12 13.46 -8.43 -15.00
N GLU A 14 12.52 -5.61 -13.70
CA GLU A 14 12.32 -4.23 -14.12
C GLU A 14 12.22 -4.10 -15.63
N ALA A 15 12.77 -5.06 -16.36
CA ALA A 15 12.57 -5.12 -17.81
C ALA A 15 11.30 -5.89 -18.19
N ASN A 16 10.46 -6.21 -17.21
CA ASN A 16 9.21 -6.96 -17.43
C ASN A 16 9.46 -8.32 -18.06
N LYS A 17 10.65 -8.89 -17.83
CA LYS A 17 10.95 -10.27 -18.21
C LYS A 17 10.67 -11.15 -16.99
N TYR A 18 9.38 -11.40 -16.77
CA TYR A 18 8.94 -12.07 -15.55
C TYR A 18 9.42 -13.51 -15.48
N ASP A 19 9.35 -14.24 -16.60
CA ASP A 19 9.77 -15.65 -16.60
C ASP A 19 11.25 -15.77 -16.29
N GLU A 20 12.08 -14.94 -16.93
CA GLU A 20 13.50 -14.93 -16.62
C GLU A 20 13.76 -14.57 -15.16
N ALA A 21 13.03 -13.58 -14.64
CA ALA A 21 13.20 -13.20 -13.24
C ALA A 21 12.81 -14.35 -12.32
N ARG A 22 11.70 -15.03 -12.64
CA ARG A 22 11.23 -16.13 -11.81
C ARG A 22 12.26 -17.24 -11.73
N LYS A 23 12.82 -17.64 -12.87
CA LYS A 23 13.78 -18.75 -12.88
C LYS A 23 14.99 -18.44 -12.04
N THR A 24 15.40 -17.17 -12.00
CA THR A 24 16.56 -16.78 -11.21
C THR A 24 16.24 -16.63 -9.73
N LEU A 25 15.06 -16.12 -9.40
CA LEU A 25 14.70 -15.89 -8.00
C LEU A 25 14.28 -17.17 -7.28
N GLN A 26 13.68 -18.11 -8.01
CA GLN A 26 13.03 -19.24 -7.35
C GLN A 26 13.94 -20.01 -6.38
N PRO A 27 15.20 -20.33 -6.71
CA PRO A 27 16.01 -21.08 -5.74
C PRO A 27 16.34 -20.30 -4.49
N LEU A 28 16.45 -18.98 -4.59
CA LEU A 28 16.63 -18.16 -3.40
C LEU A 28 15.42 -18.24 -2.48
N LEU A 29 14.22 -18.14 -3.06
CA LEU A 29 13.00 -18.19 -2.30
C LEU A 29 12.78 -19.57 -1.68
N ALA A 30 13.08 -20.64 -2.42
CA ALA A 30 12.86 -21.98 -1.87
C ALA A 30 13.72 -22.20 -0.63
N ALA A 31 14.94 -21.67 -0.63
CA ALA A 31 15.83 -21.86 0.51
C ALA A 31 15.48 -20.95 1.68
N GLU A 32 14.96 -19.75 1.40
CA GLU A 32 14.58 -18.79 2.44
C GLU A 32 13.20 -18.26 2.16
N PRO A 33 12.16 -19.09 2.36
CA PRO A 33 10.80 -18.69 1.96
C PRO A 33 10.26 -17.49 2.73
N GLY A 34 10.98 -16.97 3.72
CA GLY A 34 10.47 -15.85 4.49
C GLY A 34 11.32 -14.61 4.47
N ASN A 35 12.37 -14.68 3.67
CA ASN A 35 13.13 -13.50 3.36
C ASN A 35 12.18 -12.45 2.79
N ALA A 36 12.06 -11.33 3.49
CA ALA A 36 11.10 -10.30 3.09
C ALA A 36 11.37 -9.79 1.68
N TRP A 37 12.63 -9.68 1.29
CA TRP A 37 12.92 -9.11 -0.01
C TRP A 37 12.84 -10.13 -1.13
N TYR A 38 13.13 -11.41 -0.86
CA TYR A 38 12.80 -12.44 -1.84
C TYR A 38 11.30 -12.53 -2.05
N LEU A 39 10.52 -12.38 -0.96
CA LEU A 39 9.07 -12.37 -1.07
C LEU A 39 8.58 -11.15 -1.84
N ASP A 40 9.22 -9.99 -1.59
CA ASP A 40 8.86 -8.78 -2.32
C ASP A 40 9.00 -8.98 -3.82
N LEU A 41 10.13 -9.57 -4.25
CA LEU A 41 10.33 -9.79 -5.67
C LEU A 41 9.40 -10.87 -6.21
N ALA A 42 9.21 -11.95 -5.44
CA ALA A 42 8.31 -13.03 -5.86
C ALA A 42 6.90 -12.49 -6.07
N THR A 43 6.45 -11.60 -5.19
CA THR A 43 5.14 -10.99 -5.34
C THR A 43 5.05 -10.21 -6.65
N ASP A 44 6.07 -9.39 -6.95
CA ASP A 44 6.02 -8.60 -8.17
C ASP A 44 6.03 -9.50 -9.42
N ILE A 45 6.80 -10.58 -9.38
CA ILE A 45 6.83 -11.50 -10.51
C ILE A 45 5.47 -12.14 -10.73
N ASP A 46 4.88 -12.67 -9.66
CA ASP A 46 3.58 -13.34 -9.76
C ASP A 46 2.50 -12.37 -10.23
N LEU A 47 2.44 -11.17 -9.64
CA LEU A 47 1.44 -10.20 -10.09
C LEU A 47 1.67 -9.79 -11.54
N GLY A 48 2.93 -9.73 -11.96
CA GLY A 48 3.21 -9.44 -13.36
C GLY A 48 2.66 -10.49 -14.30
N GLN A 49 2.57 -11.74 -13.84
CA GLN A 49 2.04 -12.84 -14.64
C GLN A 49 0.61 -13.21 -14.25
N ASN A 50 -0.13 -12.29 -13.63
CA ASN A 50 -1.55 -12.51 -13.30
C ASN A 50 -1.72 -13.71 -12.37
N LYS A 51 -0.78 -13.87 -11.42
CA LYS A 51 -0.88 -14.95 -10.47
C LYS A 51 -1.02 -14.39 -9.06
N ALA A 52 -2.06 -13.57 -8.84
CA ALA A 52 -2.25 -12.94 -7.55
C ALA A 52 -2.54 -13.96 -6.45
N ASN A 53 -3.30 -15.02 -6.78
CA ASN A 53 -3.64 -15.96 -5.72
C ASN A 53 -2.39 -16.69 -5.25
N GLU A 54 -1.48 -17.00 -6.17
CA GLU A 54 -0.19 -17.57 -5.79
C GLU A 54 0.57 -16.60 -4.86
N ALA A 55 0.57 -15.32 -5.20
CA ALA A 55 1.29 -14.35 -4.40
C ALA A 55 0.65 -14.20 -3.03
N ILE A 56 -0.68 -14.22 -2.97
CA ILE A 56 -1.38 -14.10 -1.69
C ILE A 56 -1.04 -15.28 -0.78
N ASN A 57 -1.18 -16.51 -1.28
CA ASN A 57 -0.94 -17.69 -0.45
C ASN A 57 0.47 -17.71 0.10
N ARG A 58 1.45 -17.33 -0.74
CA ARG A 58 2.83 -17.30 -0.29
C ARG A 58 3.03 -16.32 0.85
N LEU A 59 2.46 -15.12 0.73
CA LEU A 59 2.63 -14.12 1.79
C LEU A 59 1.86 -14.50 3.04
N LYS A 60 0.68 -15.09 2.89
CA LYS A 60 -0.06 -15.54 4.06
C LYS A 60 0.72 -16.58 4.87
N ASN A 61 1.69 -17.24 4.25
CA ASN A 61 2.50 -18.29 4.88
C ASN A 61 3.81 -17.78 5.50
N ALA A 62 4.08 -16.47 5.49
CA ALA A 62 5.33 -15.91 6.01
C ALA A 62 5.20 -15.59 7.51
N ARG A 63 6.19 -15.99 8.36
CA ARG A 63 5.99 -15.69 9.80
C ARG A 63 5.97 -14.21 10.06
N ASP A 64 6.87 -13.45 9.44
CA ASP A 64 6.99 -12.06 9.82
C ASP A 64 5.90 -11.20 9.19
N LEU A 65 4.86 -11.80 8.62
CA LEU A 65 3.87 -11.04 7.86
C LEU A 65 3.29 -9.90 8.70
N ARG A 66 2.81 -10.21 9.90
CA ARG A 66 2.11 -9.19 10.67
C ARG A 66 3.03 -8.11 11.23
N THR A 67 4.34 -8.35 11.31
CA THR A 67 5.26 -7.37 11.87
C THR A 67 6.18 -6.71 10.86
N ASN A 68 6.19 -7.15 9.60
CA ASN A 68 7.12 -6.60 8.61
C ASN A 68 6.36 -5.72 7.63
N PRO A 69 6.63 -4.41 7.58
CA PRO A 69 5.86 -3.55 6.65
C PRO A 69 6.04 -3.91 5.20
N VAL A 70 7.21 -4.42 4.80
CA VAL A 70 7.39 -4.84 3.41
C VAL A 70 6.43 -5.97 3.06
N LEU A 71 6.27 -6.93 3.97
CA LEU A 71 5.36 -8.03 3.69
C LEU A 71 3.90 -7.56 3.70
N GLN A 72 3.56 -6.65 4.64
CA GLN A 72 2.21 -6.10 4.69
C GLN A 72 1.85 -5.38 3.39
N LEU A 73 2.70 -4.48 2.92
CA LEU A 73 2.37 -3.73 1.72
C LEU A 73 2.24 -4.66 0.51
N ASN A 74 3.10 -5.67 0.44
CA ASN A 74 3.03 -6.61 -0.68
C ASN A 74 1.73 -7.41 -0.65
N LEU A 75 1.33 -7.89 0.52
CA LEU A 75 0.10 -8.66 0.60
C LEU A 75 -1.10 -7.79 0.26
N ALA A 76 -1.08 -6.52 0.69
CA ALA A 76 -2.18 -5.61 0.34
C ALA A 76 -2.26 -5.43 -1.16
N ASN A 77 -1.13 -5.22 -1.81
CA ASN A 77 -1.13 -5.07 -3.26
C ASN A 77 -1.62 -6.35 -3.94
N ALA A 78 -1.18 -7.52 -3.45
CA ALA A 78 -1.60 -8.77 -4.07
C ALA A 78 -3.11 -8.98 -3.91
N TYR A 79 -3.63 -8.69 -2.71
CA TYR A 79 -5.08 -8.77 -2.51
C TYR A 79 -5.81 -7.86 -3.48
N LEU A 80 -5.32 -6.62 -3.65
CA LEU A 80 -5.98 -5.68 -4.57
C LEU A 80 -6.02 -6.22 -5.98
N GLN A 81 -4.89 -6.76 -6.47
CA GLN A 81 -4.87 -7.29 -7.83
C GLN A 81 -5.59 -8.62 -7.95
N GLY A 82 -5.77 -9.34 -6.85
CA GLY A 82 -6.49 -10.59 -6.80
C GLY A 82 -7.98 -10.47 -6.60
N GLY A 83 -8.53 -9.26 -6.72
CA GLY A 83 -9.95 -9.06 -6.56
C GLY A 83 -10.44 -9.12 -5.12
N GLN A 84 -9.58 -8.81 -4.17
CA GLN A 84 -9.92 -8.83 -2.75
C GLN A 84 -9.61 -7.48 -2.12
N PRO A 85 -10.30 -6.42 -2.55
CA PRO A 85 -10.04 -5.10 -1.94
C PRO A 85 -10.35 -5.02 -0.45
N GLN A 86 -11.26 -5.84 0.07
CA GLN A 86 -11.57 -5.76 1.49
C GLN A 86 -10.36 -6.16 2.33
N GLU A 87 -9.75 -7.29 2.00
CA GLU A 87 -8.56 -7.71 2.76
C GLU A 87 -7.41 -6.73 2.55
N ALA A 88 -7.29 -6.15 1.35
CA ALA A 88 -6.28 -5.12 1.14
C ALA A 88 -6.51 -3.94 2.06
N ALA A 89 -7.76 -3.46 2.14
CA ALA A 89 -8.03 -2.29 2.99
C ALA A 89 -7.79 -2.60 4.46
N ASN A 90 -8.10 -3.83 4.90
CA ASN A 90 -7.82 -4.21 6.29
C ASN A 90 -6.34 -4.01 6.61
N ILE A 91 -5.46 -4.46 5.70
CA ILE A 91 -4.03 -4.28 5.87
C ILE A 91 -3.66 -2.81 5.77
N LEU A 92 -4.22 -2.11 4.78
CA LEU A 92 -3.74 -0.77 4.47
C LEU A 92 -4.16 0.24 5.53
N ASN A 93 -5.29 -0.01 6.21
CA ASN A 93 -5.65 0.91 7.29
C ASN A 93 -4.64 0.86 8.43
N ARG A 94 -4.07 -0.32 8.70
CA ARG A 94 -2.97 -0.40 9.66
C ARG A 94 -1.69 0.16 9.07
N TYR A 95 -1.40 -0.17 7.81
CA TYR A 95 -0.14 0.24 7.20
C TYR A 95 -0.02 1.75 7.12
N THR A 96 -1.06 2.43 6.63
CA THR A 96 -0.98 3.88 6.49
C THR A 96 -0.88 4.56 7.85
N PHE A 97 -1.49 3.97 8.88
CA PHE A 97 -1.35 4.53 10.23
C PHE A 97 0.09 4.40 10.73
N ASN A 98 0.73 3.26 10.50
CA ASN A 98 2.09 3.05 10.97
C ASN A 98 3.17 3.60 10.05
N ASN A 99 2.83 3.97 8.81
CA ASN A 99 3.81 4.45 7.83
C ASN A 99 3.21 5.66 7.12
N LYS A 100 2.99 6.74 7.88
CA LYS A 100 2.19 7.87 7.40
C LYS A 100 2.83 8.60 6.21
N ASP A 101 4.15 8.49 6.03
CA ASP A 101 4.84 9.23 4.98
C ASP A 101 4.98 8.43 3.69
N ASP A 102 4.38 7.25 3.60
CA ASP A 102 4.56 6.39 2.44
C ASP A 102 3.42 6.63 1.46
N SER A 103 3.71 7.31 0.35
CA SER A 103 2.67 7.66 -0.60
C SER A 103 2.13 6.42 -1.31
N ASN A 104 2.94 5.37 -1.45
CA ASN A 104 2.44 4.13 -2.04
C ASN A 104 1.31 3.55 -1.21
N GLY A 105 1.43 3.60 0.11
CA GLY A 105 0.38 3.04 0.96
C GLY A 105 -0.92 3.83 0.84
N TRP A 106 -0.82 5.16 0.80
CA TRP A 106 -2.03 5.97 0.64
C TRP A 106 -2.67 5.77 -0.74
N ASP A 107 -1.86 5.63 -1.79
CA ASP A 107 -2.45 5.41 -3.11
C ASP A 107 -3.16 4.06 -3.16
N LEU A 108 -2.54 3.03 -2.58
CA LEU A 108 -3.19 1.72 -2.56
C LEU A 108 -4.46 1.74 -1.74
N LEU A 109 -4.43 2.42 -0.59
CA LEU A 109 -5.64 2.52 0.22
C LEU A 109 -6.75 3.24 -0.55
N ALA A 110 -6.41 4.33 -1.24
CA ALA A 110 -7.41 5.01 -2.04
C ALA A 110 -8.02 4.09 -3.09
N GLN A 111 -7.20 3.27 -3.74
CA GLN A 111 -7.72 2.31 -4.70
C GLN A 111 -8.64 1.30 -4.04
N ALA A 112 -8.22 0.77 -2.89
CA ALA A 112 -9.06 -0.22 -2.20
C ALA A 112 -10.39 0.38 -1.79
N GLU A 113 -10.36 1.57 -1.18
CA GLU A 113 -11.62 2.14 -0.70
C GLU A 113 -12.53 2.54 -1.86
N ALA A 114 -11.97 2.91 -3.02
CA ALA A 114 -12.82 3.14 -4.18
C ALA A 114 -13.48 1.84 -4.63
N ALA A 115 -12.71 0.75 -4.66
CA ALA A 115 -13.29 -0.55 -5.01
C ALA A 115 -14.36 -0.98 -4.02
N LEU A 116 -14.25 -0.60 -2.75
CA LEU A 116 -15.20 -0.99 -1.72
C LEU A 116 -16.34 0.00 -1.55
N ASN A 117 -16.42 1.05 -2.37
CA ASN A 117 -17.47 2.06 -2.24
C ASN A 117 -17.51 2.62 -0.82
N ASN A 118 -16.32 2.96 -0.31
CA ASN A 118 -16.15 3.57 1.02
C ASN A 118 -15.67 5.01 0.81
N ARG A 119 -16.62 5.94 0.61
CA ARG A 119 -16.29 7.17 -0.09
C ARG A 119 -15.45 8.14 0.75
N ASP A 120 -15.83 8.38 2.02
CA ASP A 120 -15.02 9.33 2.79
C ASP A 120 -13.62 8.77 3.05
N GLN A 121 -13.51 7.46 3.26
CA GLN A 121 -12.18 6.86 3.40
C GLN A 121 -11.36 7.04 2.12
N GLU A 122 -11.99 6.84 0.95
CA GLU A 122 -11.31 7.09 -0.30
C GLU A 122 -10.86 8.55 -0.38
N LEU A 123 -11.75 9.48 -0.04
CA LEU A 123 -11.40 10.90 -0.07
C LEU A 123 -10.23 11.20 0.86
N ALA A 124 -10.27 10.64 2.08
CA ALA A 124 -9.20 10.89 3.03
C ALA A 124 -7.87 10.36 2.49
N ALA A 125 -7.88 9.19 1.86
CA ALA A 125 -6.62 8.63 1.37
C ALA A 125 -6.11 9.40 0.16
N ARG A 126 -7.01 9.86 -0.70
CA ARG A 126 -6.59 10.75 -1.79
C ARG A 126 -6.06 12.06 -1.24
N ALA A 127 -6.68 12.60 -0.19
CA ALA A 127 -6.19 13.83 0.42
C ALA A 127 -4.79 13.65 0.99
N GLU A 128 -4.54 12.53 1.65
CA GLU A 128 -3.20 12.29 2.20
C GLU A 128 -2.17 12.15 1.08
N GLY A 129 -2.55 11.55 -0.05
CA GLY A 129 -1.66 11.53 -1.20
C GLY A 129 -1.36 12.92 -1.73
N TYR A 130 -2.40 13.77 -1.82
CA TYR A 130 -2.17 15.15 -2.24
C TYR A 130 -1.26 15.88 -1.25
N ALA A 131 -1.45 15.67 0.05
CA ALA A 131 -0.62 16.34 1.05
C ALA A 131 0.84 15.96 0.87
N LEU A 132 1.11 14.68 0.62
CA LEU A 132 2.48 14.23 0.40
C LEU A 132 3.05 14.75 -0.92
N ALA A 133 2.20 15.09 -1.89
CA ALA A 133 2.60 15.77 -3.11
C ALA A 133 2.58 17.29 -2.98
N GLY A 134 2.34 17.81 -1.78
CA GLY A 134 2.40 19.24 -1.55
C GLY A 134 1.16 20.00 -1.96
N ARG A 135 0.12 19.31 -2.42
CA ARG A 135 -1.10 19.98 -2.85
C ARG A 135 -2.02 20.14 -1.64
N LEU A 136 -1.62 21.08 -0.77
CA LEU A 136 -2.20 21.17 0.55
C LEU A 136 -3.61 21.76 0.51
N ASP A 137 -3.83 22.79 -0.32
CA ASP A 137 -5.19 23.32 -0.45
C ASP A 137 -6.15 22.22 -0.91
N GLN A 138 -5.74 21.46 -1.92
CA GLN A 138 -6.59 20.40 -2.45
C GLN A 138 -6.79 19.29 -1.42
N ALA A 139 -5.75 18.96 -0.64
CA ALA A 139 -5.93 17.98 0.42
C ALA A 139 -6.97 18.44 1.44
N ILE A 140 -6.92 19.72 1.81
CA ILE A 140 -7.90 20.27 2.76
C ILE A 140 -9.31 20.19 2.18
N SER A 141 -9.46 20.47 0.88
N SER A 141 -9.46 20.46 0.88
CA SER A 141 -10.77 20.39 0.25
CA SER A 141 -10.77 20.39 0.25
C SER A 141 -11.34 18.97 0.32
C SER A 141 -11.34 18.97 0.32
N LEU A 142 -10.53 17.97 -0.03
CA LEU A 142 -11.02 16.60 0.01
C LEU A 142 -11.27 16.13 1.44
N SER A 144 -12.18 18.04 3.88
CA SER A 144 -13.42 18.70 4.29
C SER A 144 -14.63 17.93 3.78
N SER A 145 -14.59 17.47 2.54
CA SER A 145 -15.67 16.62 2.04
C SER A 145 -15.81 15.34 2.84
N ALA A 146 -14.68 14.66 3.14
CA ALA A 146 -14.74 13.43 3.92
C ALA A 146 -15.39 13.67 5.28
N SER A 147 -14.95 14.73 5.97
CA SER A 147 -15.55 15.07 7.27
C SER A 147 -17.06 15.27 7.15
N SER A 148 -17.51 15.90 6.07
CA SER A 148 -18.92 16.25 5.91
C SER A 148 -19.80 15.05 5.64
N GLN A 149 -19.21 13.88 5.34
CA GLN A 149 -19.99 12.71 4.97
C GLN A 149 -20.24 11.74 6.11
N VAL A 150 -19.47 11.82 7.20
CA VAL A 150 -19.64 10.92 8.33
C VAL A 150 -20.49 11.63 9.38
N LYS A 151 -21.02 10.85 10.33
CA LYS A 151 -22.04 11.38 11.23
C LYS A 151 -21.51 12.55 12.04
N LEU A 152 -22.29 13.61 12.11
CA LEU A 152 -21.94 14.79 12.88
C LEU A 152 -21.69 14.43 14.34
N GLY A 153 -20.56 14.88 14.87
CA GLY A 153 -20.18 14.61 16.25
C GLY A 153 -19.47 13.28 16.46
N SER A 154 -19.32 12.46 15.42
CA SER A 154 -18.61 11.19 15.57
C SER A 154 -17.12 11.41 15.75
N LEU A 155 -16.46 10.40 16.32
CA LEU A 155 -15.00 10.43 16.39
C LEU A 155 -14.38 10.50 15.01
N GLN A 156 -14.99 9.80 14.03
CA GLN A 156 -14.46 9.86 12.67
C GLN A 156 -14.47 11.30 12.15
N GLN A 157 -15.57 12.03 12.38
CA GLN A 157 -15.59 13.42 11.95
C GLN A 157 -14.49 14.22 12.65
N ALA A 158 -14.30 13.98 13.95
CA ALA A 158 -13.26 14.71 14.68
C ALA A 158 -11.87 14.42 14.13
N ARG A 159 -11.62 13.17 13.76
CA ARG A 159 -10.33 12.80 13.20
C ARG A 159 -10.07 13.53 11.89
N TYR A 160 -11.08 13.57 11.02
CA TYR A 160 -10.92 14.29 9.75
C TYR A 160 -10.70 15.78 9.99
N ASP A 161 -11.45 16.39 10.92
CA ASP A 161 -11.28 17.81 11.20
C ASP A 161 -9.91 18.09 11.83
N ALA A 162 -9.41 17.15 12.63
CA ALA A 162 -8.06 17.32 13.18
C ALA A 162 -7.01 17.25 12.08
N ARG A 163 -7.20 16.39 11.08
CA ARG A 163 -6.28 16.35 9.96
C ARG A 163 -6.30 17.68 9.19
N ILE A 164 -7.50 18.25 8.99
CA ILE A 164 -7.60 19.56 8.34
C ILE A 164 -6.77 20.58 9.08
N ASP A 165 -6.90 20.59 10.41
CA ASP A 165 -6.13 21.55 11.21
C ASP A 165 -4.64 21.35 11.02
N GLN A 166 -4.21 20.09 10.96
CA GLN A 166 -2.80 19.81 10.74
C GLN A 166 -2.35 20.26 9.37
N LEU A 167 -3.18 20.07 8.34
CA LEU A 167 -2.78 20.52 7.02
C LEU A 167 -2.69 22.04 6.94
N ARG A 168 -3.60 22.75 7.62
CA ARG A 168 -3.60 24.20 7.54
C ARG A 168 -2.36 24.77 8.19
N GLN A 169 -1.94 24.22 9.31
CA GLN A 169 -0.86 24.93 9.94
C GLN A 169 0.42 24.56 9.22
N LEU A 170 0.44 23.42 8.48
CA LEU A 170 1.59 23.08 7.62
C LEU A 170 1.70 24.04 6.44
N GLN A 171 0.58 24.35 5.78
CA GLN A 171 0.56 25.45 4.82
C GLN A 171 1.29 26.66 5.36
N GLU A 172 1.08 26.98 6.64
CA GLU A 172 1.62 28.22 7.19
C GLU A 172 3.14 28.26 7.08
N ARG A 173 3.81 27.12 7.19
CA ARG A 173 5.27 27.15 7.12
C ARG A 173 5.79 27.42 5.71
N PHE A 174 4.90 27.45 4.70
CA PHE A 174 5.31 27.70 3.32
C PHE A 174 4.83 29.04 2.79
N LYS A 175 4.29 29.91 3.64
CA LYS A 175 3.76 31.19 3.16
C LYS A 175 4.82 32.30 3.25
#